data_6Q4W
#
_entry.id   6Q4W
#
_cell.length_a   46.478
_cell.length_b   48.116
_cell.length_c   73.887
_cell.angle_alpha   94.48
_cell.angle_beta   96.92
_cell.angle_gamma   110.29
#
_symmetry.space_group_name_H-M   'P 1'
#
loop_
_entity.id
_entity.type
_entity.pdbx_description
1 polymer 'LmxM MPT-1'
2 water water
#
_entity_poly.entity_id   1
_entity_poly.type   'polypeptide(L)'
_entity_poly.pdbx_seq_one_letter_code
;MGSSHHHHHHSSGLVPRGSHMGSNGSHTEPQVREECTMVAKRKEFERTKVIQEAVFLTFKGLDTHDVYNCCVPFTINGTY
HIFGRVERRSEWVNSHVRLFCKTGHDEYTLVEHAMQYQLEDPFLVKINGEALFGGVRVTKDHGKVSGYVCDFYRGKIDDL
HYFTSGPKNMKDIRLIGLADGKIGVFSHHKTSNTCVTGFIIIDSLDDLCSQVIDSAKPIDHTLFGDAWGGVNQPYLLSTG
KIGCISHHGYLDTDANGEVINVYCITSFVYKPSTNTCYDYKILGTKNCFPEYPAKAPKLIDCVFVSGIVMREDGKCDLYS
GVGDTQEGRMMINYPFEGHGTIVDNVNF
;
_entity_poly.pdbx_strand_id   A,B
#
# COMPACT_ATOMS: atom_id res chain seq x y z
N ARG A 33 -39.71 15.08 10.55
CA ARG A 33 -40.29 15.20 11.92
C ARG A 33 -39.18 15.49 12.95
N GLU A 34 -39.46 16.31 13.95
CA GLU A 34 -38.50 16.69 15.04
C GLU A 34 -37.89 15.43 15.66
N GLU A 35 -38.74 14.47 16.05
CA GLU A 35 -38.32 13.21 16.70
C GLU A 35 -37.37 12.40 15.83
N CYS A 36 -37.47 12.56 14.50
CA CYS A 36 -36.72 11.72 13.53
C CYS A 36 -35.38 12.41 13.18
N THR A 37 -35.03 13.52 13.81
CA THR A 37 -33.68 14.13 13.57
C THR A 37 -32.71 13.37 14.48
N MET A 38 -31.47 13.25 14.03
CA MET A 38 -30.41 12.53 14.76
C MET A 38 -30.12 13.24 16.09
N VAL A 39 -30.06 14.59 16.13
CA VAL A 39 -29.80 15.32 17.42
CA VAL A 39 -29.81 15.31 17.42
C VAL A 39 -30.86 14.88 18.44
N ALA A 40 -32.14 14.80 18.03
CA ALA A 40 -33.24 14.44 18.95
C ALA A 40 -33.08 12.98 19.38
N LYS A 41 -32.71 12.13 18.43
CA LYS A 41 -32.57 10.70 18.74
C LYS A 41 -31.43 10.55 19.76
N ARG A 42 -30.37 11.32 19.57
CA ARG A 42 -29.15 11.22 20.42
C ARG A 42 -29.49 11.74 21.82
N LYS A 43 -30.27 12.82 21.90
CA LYS A 43 -30.71 13.42 23.19
C LYS A 43 -31.50 12.37 23.96
N GLU A 44 -32.42 11.63 23.29
CA GLU A 44 -33.25 10.61 23.98
C GLU A 44 -32.35 9.46 24.40
N PHE A 45 -31.40 9.09 23.55
CA PHE A 45 -30.44 8.00 23.90
C PHE A 45 -29.71 8.36 25.19
N GLU A 46 -29.16 9.57 25.28
CA GLU A 46 -28.37 9.96 26.48
C GLU A 46 -29.24 9.92 27.74
N ARG A 47 -30.52 10.33 27.64
CA ARG A 47 -31.50 10.34 28.77
C ARG A 47 -31.91 8.90 29.22
N THR A 48 -31.85 7.87 28.35
CA THR A 48 -32.50 6.55 28.58
C THR A 48 -31.48 5.41 28.62
N LYS A 49 -30.21 5.66 28.32
CA LYS A 49 -29.21 4.58 28.12
C LYS A 49 -29.04 3.81 29.43
N VAL A 50 -28.65 2.55 29.35
CA VAL A 50 -28.26 1.77 30.56
C VAL A 50 -26.74 1.74 30.64
N ILE A 51 -26.20 2.39 31.63
CA ILE A 51 -24.74 2.46 31.91
C ILE A 51 -24.26 1.05 32.35
N GLN A 52 -23.37 0.44 31.58
CA GLN A 52 -22.71 -0.84 31.94
C GLN A 52 -21.21 -0.64 31.69
N GLU A 53 -20.44 -1.73 31.78
CA GLU A 53 -18.98 -1.74 31.52
C GLU A 53 -18.64 -0.94 30.24
N ALA A 54 -17.66 -0.03 30.33
CA ALA A 54 -17.09 0.68 29.17
C ALA A 54 -15.63 1.00 29.45
N VAL A 55 -14.72 0.47 28.63
CA VAL A 55 -13.24 0.51 28.88
C VAL A 55 -12.52 0.81 27.58
N PHE A 56 -11.24 1.11 27.70
CA PHE A 56 -10.32 1.14 26.54
C PHE A 56 -9.48 -0.13 26.57
N LEU A 57 -9.30 -0.70 25.37
CA LEU A 57 -8.30 -1.76 25.16
C LEU A 57 -6.89 -1.21 25.38
N THR A 58 -6.01 -2.06 25.90
CA THR A 58 -4.55 -1.78 26.04
C THR A 58 -3.81 -2.49 24.89
N PHE A 59 -2.98 -1.73 24.16
CA PHE A 59 -2.16 -2.26 23.06
C PHE A 59 -0.70 -2.20 23.50
N LYS A 60 0.02 -3.29 23.31
CA LYS A 60 1.44 -3.44 23.64
C LYS A 60 2.23 -3.61 22.34
N GLY A 61 3.50 -3.17 22.34
CA GLY A 61 4.45 -3.35 21.24
C GLY A 61 4.56 -2.13 20.34
N LEU A 62 3.83 -1.07 20.59
CA LEU A 62 3.78 0.07 19.61
C LEU A 62 3.46 1.36 20.36
N ASP A 63 4.26 1.62 21.39
CA ASP A 63 4.00 2.74 22.33
C ASP A 63 4.04 4.10 21.62
N THR A 64 4.78 4.21 20.51
CA THR A 64 4.90 5.46 19.70
C THR A 64 3.58 5.86 19.05
N HIS A 65 2.64 4.97 18.91
CA HIS A 65 1.46 5.18 18.04
C HIS A 65 0.16 5.02 18.82
N ASP A 66 -0.90 5.69 18.38
CA ASP A 66 -2.28 5.33 18.79
C ASP A 66 -2.74 4.14 17.93
N VAL A 67 -3.68 3.38 18.48
CA VAL A 67 -4.34 2.25 17.79
C VAL A 67 -5.83 2.47 17.94
N TYR A 68 -6.53 2.52 16.83
CA TYR A 68 -7.95 2.90 16.84
C TYR A 68 -8.65 2.35 15.61
N ASN A 69 -9.96 2.55 15.57
CA ASN A 69 -10.81 2.20 14.39
C ASN A 69 -10.48 0.79 13.89
N CYS A 70 -10.55 -0.16 14.81
CA CYS A 70 -10.12 -1.56 14.54
C CYS A 70 -11.20 -2.26 13.70
N CYS A 71 -10.83 -3.36 13.07
CA CYS A 71 -11.85 -4.32 12.58
C CYS A 71 -12.47 -5.02 13.78
N VAL A 72 -13.47 -5.87 13.52
CA VAL A 72 -14.09 -6.68 14.60
C VAL A 72 -13.03 -7.64 15.13
N PRO A 73 -12.95 -7.89 16.46
CA PRO A 73 -12.11 -8.98 16.95
C PRO A 73 -12.53 -10.29 16.28
N PHE A 74 -11.55 -11.10 15.94
CA PHE A 74 -11.72 -12.34 15.16
C PHE A 74 -10.78 -13.38 15.76
N THR A 75 -10.88 -14.65 15.39
CA THR A 75 -9.95 -15.66 15.91
C THR A 75 -9.17 -16.29 14.78
N ILE A 76 -7.96 -16.69 15.11
CA ILE A 76 -7.11 -17.54 14.25
C ILE A 76 -6.76 -18.75 15.11
N ASN A 77 -7.14 -19.96 14.68
CA ASN A 77 -6.85 -21.21 15.42
C ASN A 77 -7.22 -21.00 16.90
N GLY A 78 -8.37 -20.37 17.16
CA GLY A 78 -8.93 -20.22 18.52
C GLY A 78 -8.45 -18.99 19.26
N THR A 79 -7.46 -18.26 18.77
CA THR A 79 -6.87 -17.12 19.53
C THR A 79 -7.37 -15.80 18.96
N TYR A 80 -7.88 -14.89 19.79
CA TYR A 80 -8.41 -13.60 19.33
C TYR A 80 -7.26 -12.74 18.80
N HIS A 81 -7.57 -12.05 17.71
CA HIS A 81 -6.70 -11.07 17.05
C HIS A 81 -7.54 -9.87 16.66
N ILE A 82 -6.86 -8.80 16.30
CA ILE A 82 -7.56 -7.61 15.77
C ILE A 82 -6.61 -6.88 14.81
N PHE A 83 -7.18 -6.33 13.75
CA PHE A 83 -6.45 -5.39 12.88
C PHE A 83 -6.77 -3.99 13.41
N GLY A 84 -5.72 -3.18 13.68
CA GLY A 84 -5.91 -1.80 14.14
C GLY A 84 -5.35 -0.81 13.15
N ARG A 85 -6.00 0.36 13.06
CA ARG A 85 -5.41 1.52 12.39
C ARG A 85 -4.41 2.14 13.37
N VAL A 86 -3.18 2.36 12.93
CA VAL A 86 -2.10 2.88 13.80
C VAL A 86 -1.56 4.16 13.18
N GLU A 87 -1.40 5.18 14.03
CA GLU A 87 -0.96 6.51 13.59
C GLU A 87 -0.36 7.21 14.79
N ARG A 88 0.68 7.98 14.55
CA ARG A 88 1.18 8.88 15.61
C ARG A 88 0.10 9.95 15.86
N ARG A 89 -0.10 10.30 17.12
CA ARG A 89 -1.17 11.24 17.53
C ARG A 89 -1.06 12.56 16.74
N SER A 90 0.14 13.09 16.53
CA SER A 90 0.30 14.40 15.82
C SER A 90 0.21 14.27 14.31
N GLU A 91 0.25 13.06 13.75
CA GLU A 91 0.33 12.84 12.31
C GLU A 91 -1.06 12.61 11.75
N TRP A 92 -1.28 13.24 10.62
CA TRP A 92 -2.49 13.09 9.81
C TRP A 92 -2.02 12.49 8.49
N VAL A 93 -2.89 11.73 7.91
CA VAL A 93 -2.71 11.15 6.57
C VAL A 93 -1.40 10.34 6.51
N ASN A 94 -1.10 9.60 7.58
CA ASN A 94 0.01 8.62 7.57
C ASN A 94 -0.40 7.40 8.41
N SER A 95 -1.53 6.79 8.11
CA SER A 95 -2.06 5.58 8.80
C SER A 95 -1.50 4.31 8.18
N HIS A 96 -1.34 3.32 9.04
CA HIS A 96 -1.16 1.92 8.60
C HIS A 96 -2.17 1.07 9.35
N VAL A 97 -2.28 -0.17 8.90
CA VAL A 97 -3.03 -1.23 9.60
C VAL A 97 -2.05 -2.34 9.99
N ARG A 98 -2.12 -2.72 11.24
CA ARG A 98 -1.23 -3.75 11.83
C ARG A 98 -2.08 -4.79 12.54
N LEU A 99 -1.54 -5.99 12.64
CA LEU A 99 -2.18 -7.14 13.31
C LEU A 99 -1.73 -7.20 14.76
N PHE A 100 -2.69 -7.40 15.66
CA PHE A 100 -2.44 -7.60 17.09
C PHE A 100 -3.06 -8.92 17.55
N CYS A 101 -2.42 -9.54 18.53
CA CYS A 101 -2.84 -10.82 19.16
CA CYS A 101 -2.82 -10.82 19.15
C CYS A 101 -3.30 -10.57 20.58
N LYS A 102 -4.46 -11.10 20.95
CA LYS A 102 -4.94 -10.98 22.35
C LYS A 102 -3.96 -11.71 23.29
N THR A 103 -3.49 -11.00 24.32
CA THR A 103 -2.49 -11.49 25.30
C THR A 103 -3.02 -11.42 26.73
N GLY A 104 -4.26 -10.96 26.91
CA GLY A 104 -4.90 -10.80 28.24
C GLY A 104 -6.25 -10.14 28.09
N HIS A 105 -7.03 -10.07 29.17
CA HIS A 105 -8.35 -9.38 29.16
C HIS A 105 -8.14 -7.95 28.67
N ASP A 106 -8.77 -7.61 27.55
CA ASP A 106 -8.77 -6.25 26.98
C ASP A 106 -7.32 -5.85 26.65
N GLU A 107 -6.46 -6.79 26.30
CA GLU A 107 -5.04 -6.52 26.02
C GLU A 107 -4.61 -7.22 24.73
N TYR A 108 -4.02 -6.45 23.81
CA TYR A 108 -3.60 -6.88 22.46
C TYR A 108 -2.15 -6.46 22.22
N THR A 109 -1.35 -7.40 21.69
CA THR A 109 0.11 -7.20 21.45
C THR A 109 0.40 -7.25 19.95
N LEU A 110 1.22 -6.29 19.49
CA LEU A 110 1.61 -6.20 18.08
C LEU A 110 2.25 -7.53 17.67
N VAL A 111 1.83 -8.06 16.52
CA VAL A 111 2.49 -9.20 15.87
C VAL A 111 3.58 -8.62 14.95
N GLU A 112 4.84 -8.64 15.40
CA GLU A 112 5.98 -7.91 14.79
CA GLU A 112 5.93 -7.86 14.76
C GLU A 112 6.26 -8.42 13.36
N HIS A 113 6.14 -9.73 13.12
CA HIS A 113 6.48 -10.33 11.78
C HIS A 113 5.42 -9.96 10.72
N ALA A 114 4.21 -9.66 11.13
CA ALA A 114 3.00 -9.68 10.30
C ALA A 114 3.11 -8.58 9.27
N MET A 115 2.48 -8.83 8.13
CA MET A 115 2.29 -7.81 7.08
C MET A 115 1.68 -6.55 7.70
N GLN A 116 2.23 -5.39 7.32
CA GLN A 116 1.65 -4.03 7.52
C GLN A 116 0.90 -3.65 6.26
N TYR A 117 -0.19 -2.90 6.37
CA TYR A 117 -0.93 -2.36 5.19
C TYR A 117 -0.98 -0.83 5.29
N GLN A 118 -0.72 -0.18 4.17
CA GLN A 118 -0.83 1.32 4.10
C GLN A 118 -2.30 1.67 3.82
N LEU A 119 -3.13 1.55 4.83
CA LEU A 119 -4.59 1.71 4.77
C LEU A 119 -5.12 2.38 6.06
N GLU A 120 -6.32 2.90 5.96
CA GLU A 120 -7.16 3.40 7.07
C GLU A 120 -8.35 2.44 7.28
N ASP A 121 -8.95 2.43 8.46
CA ASP A 121 -10.29 1.89 8.78
C ASP A 121 -10.45 0.47 8.20
N PRO A 122 -9.72 -0.50 8.77
CA PRO A 122 -9.79 -1.87 8.27
C PRO A 122 -11.12 -2.54 8.66
N PHE A 123 -11.47 -3.51 7.85
CA PHE A 123 -12.67 -4.34 8.12
C PHE A 123 -12.43 -5.77 7.61
N LEU A 124 -13.17 -6.68 8.20
CA LEU A 124 -12.98 -8.14 7.99
C LEU A 124 -14.30 -8.89 8.12
N VAL A 125 -14.54 -9.80 7.20
CA VAL A 125 -15.65 -10.79 7.30
C VAL A 125 -15.12 -12.11 6.75
N LYS A 126 -15.86 -13.19 7.04
CA LYS A 126 -15.64 -14.49 6.36
C LYS A 126 -16.70 -14.64 5.25
N ILE A 127 -16.27 -15.00 4.05
CA ILE A 127 -17.13 -15.20 2.86
C ILE A 127 -16.76 -16.55 2.28
N ASN A 128 -17.71 -17.47 2.25
CA ASN A 128 -17.50 -18.80 1.62
C ASN A 128 -16.13 -19.39 2.03
N GLY A 129 -15.85 -19.45 3.34
CA GLY A 129 -14.64 -20.11 3.89
C GLY A 129 -13.38 -19.26 3.83
N GLU A 130 -13.38 -18.12 3.14
CA GLU A 130 -12.13 -17.33 3.02
C GLU A 130 -12.31 -15.98 3.71
N ALA A 131 -11.17 -15.39 4.03
CA ALA A 131 -11.13 -14.06 4.64
C ALA A 131 -11.38 -13.04 3.55
N LEU A 132 -12.24 -12.08 3.82
CA LEU A 132 -12.36 -10.84 2.99
C LEU A 132 -11.98 -9.68 3.89
N PHE A 133 -10.87 -9.01 3.56
CA PHE A 133 -10.31 -7.91 4.37
C PHE A 133 -10.28 -6.69 3.47
N GLY A 134 -10.50 -5.52 4.06
CA GLY A 134 -10.31 -4.29 3.27
C GLY A 134 -9.95 -3.12 4.14
N GLY A 135 -9.61 -2.06 3.43
CA GLY A 135 -9.47 -0.74 4.07
C GLY A 135 -9.35 0.30 3.01
N VAL A 136 -9.15 1.53 3.45
CA VAL A 136 -9.17 2.69 2.56
C VAL A 136 -7.73 3.10 2.28
N ARG A 137 -7.43 3.20 1.01
CA ARG A 137 -6.12 3.63 0.53
C ARG A 137 -6.24 5.08 0.07
N VAL A 138 -5.39 5.92 0.64
CA VAL A 138 -5.33 7.37 0.35
C VAL A 138 -4.25 7.62 -0.71
N THR A 139 -4.58 8.35 -1.76
CA THR A 139 -3.61 8.81 -2.76
CA THR A 139 -3.59 8.80 -2.74
C THR A 139 -3.28 10.29 -2.47
N LYS A 140 -2.06 10.64 -2.70
CA LYS A 140 -1.58 12.01 -2.56
C LYS A 140 -1.00 12.51 -3.88
N ASP A 141 -1.04 13.85 -4.05
CA ASP A 141 -0.35 14.54 -5.13
C ASP A 141 0.20 15.82 -4.47
N HIS A 142 1.47 16.08 -4.67
CA HIS A 142 2.08 17.35 -4.19
C HIS A 142 1.81 17.49 -2.70
N GLY A 143 1.98 16.44 -1.90
CA GLY A 143 1.85 16.50 -0.43
C GLY A 143 0.42 16.56 0.08
N LYS A 144 -0.60 16.63 -0.81
CA LYS A 144 -2.01 16.74 -0.41
C LYS A 144 -2.79 15.48 -0.82
N VAL A 145 -3.79 15.15 -0.04
CA VAL A 145 -4.71 14.07 -0.41
C VAL A 145 -5.39 14.42 -1.74
N SER A 146 -5.40 13.51 -2.69
CA SER A 146 -5.99 13.71 -4.02
C SER A 146 -7.21 12.79 -4.21
N GLY A 147 -7.34 11.79 -3.37
CA GLY A 147 -8.48 10.85 -3.48
C GLY A 147 -8.28 9.62 -2.63
N TYR A 148 -9.27 8.73 -2.67
CA TYR A 148 -9.14 7.49 -1.90
C TYR A 148 -9.97 6.45 -2.59
N VAL A 149 -9.68 5.23 -2.22
CA VAL A 149 -10.40 4.06 -2.77
C VAL A 149 -10.32 2.95 -1.74
N CYS A 150 -11.28 2.05 -1.74
CA CYS A 150 -11.25 0.84 -0.89
CA CYS A 150 -11.25 0.83 -0.89
C CYS A 150 -10.46 -0.27 -1.62
N ASP A 151 -9.52 -0.89 -0.93
CA ASP A 151 -8.73 -2.02 -1.43
C ASP A 151 -9.27 -3.27 -0.73
N PHE A 152 -9.49 -4.32 -1.50
CA PHE A 152 -10.03 -5.59 -0.98
C PHE A 152 -9.02 -6.71 -1.16
N TYR A 153 -8.93 -7.55 -0.13
CA TYR A 153 -7.99 -8.68 -0.04
C TYR A 153 -8.81 -9.94 0.25
N ARG A 154 -8.34 -11.09 -0.26
CA ARG A 154 -9.03 -12.36 0.03
C ARG A 154 -8.01 -13.44 0.30
N GLY A 155 -8.51 -14.60 0.70
CA GLY A 155 -7.65 -15.79 0.86
C GLY A 155 -7.60 -16.23 2.30
N LYS A 156 -6.49 -16.85 2.65
CA LYS A 156 -6.24 -17.35 4.02
C LYS A 156 -5.85 -16.13 4.84
N ILE A 157 -6.32 -16.12 6.05
CA ILE A 157 -6.10 -15.01 7.01
C ILE A 157 -4.59 -14.72 7.12
N ASP A 158 -3.74 -15.72 6.96
CA ASP A 158 -2.28 -15.53 7.20
C ASP A 158 -1.57 -15.10 5.90
N ASP A 159 -2.26 -15.02 4.76
CA ASP A 159 -1.63 -14.65 3.46
C ASP A 159 -2.65 -13.90 2.59
N LEU A 160 -3.14 -12.78 3.08
CA LEU A 160 -4.20 -12.03 2.37
C LEU A 160 -3.67 -11.49 1.03
N HIS A 161 -4.47 -11.62 -0.04
CA HIS A 161 -4.06 -11.23 -1.43
C HIS A 161 -4.97 -10.09 -1.93
N TYR A 162 -4.38 -8.94 -2.26
CA TYR A 162 -5.14 -7.81 -2.86
C TYR A 162 -5.68 -8.29 -4.22
N PHE A 163 -6.97 -8.14 -4.49
CA PHE A 163 -7.58 -8.60 -5.75
C PHE A 163 -8.46 -7.57 -6.46
N THR A 164 -9.00 -6.54 -5.76
CA THR A 164 -9.82 -5.52 -6.42
C THR A 164 -9.91 -4.31 -5.52
N SER A 165 -10.07 -3.17 -6.15
CA SER A 165 -10.49 -1.92 -5.52
C SER A 165 -11.96 -1.65 -5.84
N GLY A 166 -12.58 -0.76 -5.03
CA GLY A 166 -13.93 -0.24 -5.29
C GLY A 166 -13.93 1.01 -6.16
N PRO A 167 -15.07 1.67 -6.33
CA PRO A 167 -15.17 2.92 -7.09
C PRO A 167 -14.30 4.04 -6.49
N LYS A 168 -13.85 4.95 -7.36
CA LYS A 168 -13.05 6.12 -6.92
C LYS A 168 -13.85 6.86 -5.83
N ASN A 169 -13.16 7.19 -4.73
CA ASN A 169 -13.67 8.03 -3.63
C ASN A 169 -14.91 7.42 -2.95
N MET A 170 -15.02 6.09 -2.94
CA MET A 170 -16.09 5.43 -2.17
C MET A 170 -15.47 4.66 -0.98
N LYS A 171 -15.93 4.92 0.23
CA LYS A 171 -15.57 4.10 1.40
C LYS A 171 -16.87 3.56 2.01
N ASP A 172 -16.77 2.86 3.14
CA ASP A 172 -17.96 2.27 3.82
C ASP A 172 -18.58 1.21 2.89
N ILE A 173 -17.77 0.53 2.09
CA ILE A 173 -18.22 -0.67 1.35
C ILE A 173 -18.05 -1.89 2.27
N ARG A 174 -19.10 -2.71 2.40
CA ARG A 174 -19.04 -3.86 3.31
C ARG A 174 -19.74 -5.03 2.62
N LEU A 175 -19.26 -6.23 2.90
CA LEU A 175 -19.77 -7.46 2.28
C LEU A 175 -20.30 -8.38 3.37
N ILE A 176 -21.28 -9.21 3.01
CA ILE A 176 -21.90 -10.17 3.96
C ILE A 176 -22.26 -11.45 3.21
N GLY A 177 -21.87 -12.59 3.74
CA GLY A 177 -22.31 -13.91 3.16
C GLY A 177 -23.77 -14.15 3.45
N LEU A 178 -24.55 -14.44 2.42
CA LEU A 178 -26.02 -14.65 2.59
C LEU A 178 -26.31 -16.15 2.81
N ALA A 179 -27.52 -16.46 3.26
CA ALA A 179 -27.99 -17.82 3.64
C ALA A 179 -27.80 -18.80 2.47
N ASP A 180 -27.96 -18.36 1.21
CA ASP A 180 -27.85 -19.19 -0.03
C ASP A 180 -26.41 -19.29 -0.56
N GLY A 181 -25.42 -18.68 0.10
CA GLY A 181 -24.01 -18.74 -0.38
C GLY A 181 -23.66 -17.56 -1.29
N LYS A 182 -24.63 -16.70 -1.62
CA LYS A 182 -24.35 -15.47 -2.41
C LYS A 182 -23.82 -14.40 -1.46
N ILE A 183 -23.54 -13.20 -1.97
CA ILE A 183 -22.87 -12.15 -1.17
C ILE A 183 -23.66 -10.86 -1.27
N GLY A 184 -23.96 -10.25 -0.12
CA GLY A 184 -24.58 -8.91 -0.10
C GLY A 184 -23.47 -7.88 0.00
N VAL A 185 -23.54 -6.87 -0.84
CA VAL A 185 -22.60 -5.72 -0.91
C VAL A 185 -23.37 -4.45 -0.55
N PHE A 186 -22.91 -3.75 0.50
CA PHE A 186 -23.37 -2.40 0.87
C PHE A 186 -22.39 -1.39 0.28
N SER A 187 -22.96 -0.40 -0.43
CA SER A 187 -22.27 0.70 -1.15
C SER A 187 -22.57 2.00 -0.44
N HIS A 188 -21.81 3.04 -0.77
CA HIS A 188 -22.04 4.37 -0.19
C HIS A 188 -21.80 5.43 -1.24
N HIS A 189 -22.84 6.11 -1.71
CA HIS A 189 -22.77 7.28 -2.63
C HIS A 189 -22.97 8.58 -1.82
N CYS A 195 -24.93 11.28 1.84
CA CYS A 195 -24.38 9.89 1.78
C CYS A 195 -25.51 8.84 1.73
N VAL A 196 -25.67 8.15 0.58
CA VAL A 196 -26.77 7.17 0.30
C VAL A 196 -26.18 5.75 0.41
N THR A 197 -26.75 4.88 1.25
CA THR A 197 -26.35 3.46 1.37
C THR A 197 -27.11 2.64 0.33
N GLY A 198 -26.38 1.84 -0.46
CA GLY A 198 -26.96 0.95 -1.48
C GLY A 198 -26.74 -0.50 -1.12
N PHE A 199 -27.41 -1.42 -1.82
CA PHE A 199 -27.21 -2.86 -1.63
C PHE A 199 -27.34 -3.57 -2.96
N ILE A 200 -26.53 -4.62 -3.16
CA ILE A 200 -26.61 -5.49 -4.36
C ILE A 200 -26.08 -6.88 -3.98
N ILE A 201 -26.64 -7.90 -4.61
CA ILE A 201 -26.20 -9.30 -4.40
C ILE A 201 -25.33 -9.69 -5.59
N ILE A 202 -24.22 -10.36 -5.28
CA ILE A 202 -23.25 -10.95 -6.25
C ILE A 202 -23.10 -12.42 -5.91
N ASP A 203 -22.65 -13.21 -6.87
CA ASP A 203 -22.63 -14.69 -6.71
C ASP A 203 -21.42 -15.10 -5.90
N SER A 204 -20.30 -14.38 -6.03
CA SER A 204 -19.03 -14.80 -5.41
C SER A 204 -18.03 -13.63 -5.41
N LEU A 205 -16.94 -13.78 -4.67
CA LEU A 205 -15.89 -12.74 -4.60
C LEU A 205 -15.30 -12.51 -6.00
N ASP A 206 -15.32 -13.49 -6.86
CA ASP A 206 -14.81 -13.35 -8.25
C ASP A 206 -15.61 -12.29 -9.03
N ASP A 207 -16.82 -11.92 -8.56
CA ASP A 207 -17.71 -10.94 -9.22
C ASP A 207 -17.50 -9.54 -8.64
N LEU A 208 -16.78 -9.41 -7.54
CA LEU A 208 -16.54 -8.07 -6.96
C LEU A 208 -15.66 -7.21 -7.85
N CYS A 209 -16.14 -5.98 -8.10
CA CYS A 209 -15.40 -4.96 -8.87
C CYS A 209 -16.06 -3.60 -8.73
N SER A 210 -15.44 -2.59 -9.26
CA SER A 210 -15.94 -1.21 -9.11
C SER A 210 -17.33 -1.05 -9.76
N GLN A 211 -17.52 -1.61 -10.95
CA GLN A 211 -18.79 -1.45 -11.71
C GLN A 211 -19.94 -1.99 -10.85
N VAL A 212 -19.83 -3.18 -10.28
CA VAL A 212 -21.03 -3.78 -9.61
CA VAL A 212 -21.03 -3.79 -9.61
C VAL A 212 -21.28 -3.03 -8.30
N ILE A 213 -20.23 -2.56 -7.62
CA ILE A 213 -20.43 -1.81 -6.34
C ILE A 213 -21.16 -0.49 -6.69
N ASP A 214 -20.75 0.13 -7.78
CA ASP A 214 -21.29 1.45 -8.20
C ASP A 214 -22.76 1.34 -8.57
N SER A 215 -23.18 0.16 -9.03
CA SER A 215 -24.54 -0.13 -9.55
C SER A 215 -25.54 -0.40 -8.42
N ALA A 216 -25.11 -0.53 -7.17
CA ALA A 216 -26.05 -0.89 -6.07
C ALA A 216 -27.12 0.21 -5.93
N LYS A 217 -28.34 -0.22 -5.64
CA LYS A 217 -29.55 0.63 -5.59
C LYS A 217 -29.74 1.02 -4.12
N PRO A 218 -30.24 2.24 -3.84
CA PRO A 218 -30.41 2.66 -2.45
C PRO A 218 -31.33 1.74 -1.64
N ILE A 219 -30.95 1.52 -0.40
CA ILE A 219 -31.85 0.88 0.61
C ILE A 219 -32.91 1.91 1.02
N ASP A 220 -34.02 1.41 1.56
CA ASP A 220 -35.07 2.29 2.15
C ASP A 220 -34.47 3.09 3.30
N HIS A 221 -34.57 4.41 3.22
CA HIS A 221 -33.92 5.38 4.13
C HIS A 221 -34.94 5.92 5.16
N THR A 222 -36.21 5.53 5.10
CA THR A 222 -37.36 6.03 5.91
C THR A 222 -37.02 6.13 7.40
N LEU A 223 -36.37 5.13 7.97
CA LEU A 223 -36.10 5.10 9.43
C LEU A 223 -35.02 6.11 9.83
N PHE A 224 -34.15 6.56 8.92
CA PHE A 224 -32.89 7.26 9.32
C PHE A 224 -33.09 8.78 9.40
N GLY A 225 -34.22 9.30 8.96
CA GLY A 225 -34.46 10.76 8.86
C GLY A 225 -33.29 11.52 8.23
N ASP A 226 -32.70 12.51 8.93
CA ASP A 226 -31.59 13.35 8.39
C ASP A 226 -30.21 12.69 8.55
N ALA A 227 -30.10 11.49 9.13
CA ALA A 227 -28.78 10.86 9.44
C ALA A 227 -28.05 10.52 8.13
N TRP A 228 -26.73 10.72 8.15
CA TRP A 228 -25.79 10.11 7.18
C TRP A 228 -24.89 9.13 7.95
N GLY A 229 -24.38 8.13 7.24
CA GLY A 229 -23.40 7.19 7.80
C GLY A 229 -23.31 5.94 6.94
N GLY A 230 -23.01 4.81 7.57
CA GLY A 230 -22.69 3.63 6.78
C GLY A 230 -22.54 2.41 7.65
N VAL A 231 -22.54 1.26 7.02
CA VAL A 231 -22.37 -0.03 7.74
C VAL A 231 -20.89 -0.22 8.05
N ASN A 232 -20.59 -0.79 9.21
CA ASN A 232 -19.22 -1.17 9.61
C ASN A 232 -19.07 -2.67 9.71
N GLN A 233 -20.02 -3.35 10.33
CA GLN A 233 -19.96 -4.84 10.41
C GLN A 233 -21.35 -5.46 10.20
N PRO A 234 -21.59 -6.20 9.09
CA PRO A 234 -22.87 -6.90 8.80
C PRO A 234 -22.80 -8.34 9.34
N TYR A 235 -23.91 -8.85 9.85
CA TYR A 235 -24.03 -10.21 10.43
C TYR A 235 -25.25 -10.88 9.81
N LEU A 236 -25.04 -12.07 9.26
CA LEU A 236 -26.19 -12.88 8.78
C LEU A 236 -26.93 -13.38 10.02
N LEU A 237 -28.24 -13.16 10.05
CA LEU A 237 -29.09 -13.64 11.16
C LEU A 237 -29.85 -14.93 10.78
N SER A 238 -30.36 -15.62 11.79
CA SER A 238 -31.05 -16.94 11.64
C SER A 238 -32.32 -16.83 10.78
N THR A 239 -32.86 -15.62 10.61
CA THR A 239 -34.02 -15.30 9.75
C THR A 239 -33.63 -15.04 8.30
N GLY A 240 -32.34 -14.90 7.98
CA GLY A 240 -31.92 -14.45 6.63
C GLY A 240 -31.84 -12.92 6.54
N LYS A 241 -32.27 -12.20 7.58
CA LYS A 241 -32.04 -10.72 7.65
C LYS A 241 -30.56 -10.46 7.94
N ILE A 242 -30.13 -9.22 7.71
CA ILE A 242 -28.73 -8.80 8.01
C ILE A 242 -28.74 -7.80 9.16
N GLY A 243 -28.12 -8.18 10.26
CA GLY A 243 -27.87 -7.26 11.38
C GLY A 243 -26.71 -6.35 11.04
N CYS A 244 -26.91 -5.04 11.08
CA CYS A 244 -25.91 -4.02 10.70
C CYS A 244 -25.49 -3.23 11.93
N ILE A 245 -24.21 -3.31 12.26
CA ILE A 245 -23.55 -2.41 13.25
C ILE A 245 -22.93 -1.30 12.42
N SER A 246 -23.33 -0.08 12.71
CA SER A 246 -23.17 1.05 11.77
C SER A 246 -22.66 2.29 12.52
N HIS A 247 -22.36 3.30 11.75
CA HIS A 247 -22.09 4.67 12.29
C HIS A 247 -23.02 5.66 11.59
N HIS A 248 -23.58 6.57 12.37
CA HIS A 248 -24.42 7.68 11.81
C HIS A 248 -24.07 8.94 12.57
N GLY A 249 -24.26 10.06 11.89
CA GLY A 249 -23.76 11.31 12.41
C GLY A 249 -24.60 12.50 12.00
N TYR A 250 -24.22 13.62 12.60
CA TYR A 250 -24.81 14.94 12.40
C TYR A 250 -23.71 15.97 12.73
N LEU A 251 -24.00 17.22 12.45
CA LEU A 251 -23.07 18.34 12.71
C LEU A 251 -23.54 19.10 13.95
N ASP A 252 -22.59 19.48 14.80
CA ASP A 252 -22.77 20.40 15.93
C ASP A 252 -21.71 21.50 15.78
N THR A 253 -21.80 22.53 16.61
CA THR A 253 -20.74 23.56 16.61
C THR A 253 -20.18 23.70 18.02
N ASP A 254 -18.93 24.12 18.07
CA ASP A 254 -18.25 24.45 19.36
C ASP A 254 -18.52 25.93 19.66
N ALA A 255 -17.91 26.40 20.74
CA ALA A 255 -18.12 27.75 21.28
C ALA A 255 -17.73 28.83 20.26
N ASN A 256 -16.84 28.52 19.30
CA ASN A 256 -16.35 29.46 18.26
C ASN A 256 -17.12 29.29 16.96
N GLY A 257 -18.16 28.48 16.95
CA GLY A 257 -18.90 28.21 15.72
C GLY A 257 -18.10 27.30 14.79
N GLU A 258 -17.06 26.61 15.29
CA GLU A 258 -16.29 25.60 14.50
C GLU A 258 -17.04 24.27 14.53
N VAL A 259 -17.04 23.54 13.42
CA VAL A 259 -17.84 22.32 13.27
C VAL A 259 -17.25 21.22 14.14
N ILE A 260 -18.15 20.44 14.71
CA ILE A 260 -17.87 19.19 15.45
C ILE A 260 -18.60 18.13 14.61
N ASN A 261 -17.86 17.16 14.09
CA ASN A 261 -18.38 16.02 13.31
C ASN A 261 -18.80 14.94 14.31
N VAL A 262 -20.07 14.98 14.71
CA VAL A 262 -20.62 14.02 15.69
C VAL A 262 -20.87 12.70 14.95
N TYR A 263 -20.32 11.62 15.50
CA TYR A 263 -20.63 10.28 15.03
C TYR A 263 -21.00 9.43 16.23
N CYS A 264 -22.08 8.69 16.08
CA CYS A 264 -22.57 7.70 17.07
C CYS A 264 -22.44 6.27 16.54
N ILE A 265 -22.39 5.33 17.46
CA ILE A 265 -22.48 3.89 17.15
C ILE A 265 -23.99 3.61 17.04
N THR A 266 -24.38 3.01 15.93
CA THR A 266 -25.79 2.71 15.68
C THR A 266 -25.93 1.26 15.21
N SER A 267 -27.18 0.84 15.09
CA SER A 267 -27.49 -0.48 14.45
C SER A 267 -28.82 -0.37 13.73
N PHE A 268 -29.04 -1.25 12.77
CA PHE A 268 -30.36 -1.49 12.17
C PHE A 268 -30.34 -2.90 11.61
N VAL A 269 -31.48 -3.39 11.18
CA VAL A 269 -31.60 -4.72 10.53
C VAL A 269 -32.14 -4.49 9.13
N TYR A 270 -31.51 -5.14 8.17
CA TYR A 270 -31.87 -4.99 6.74
C TYR A 270 -32.46 -6.32 6.25
N LYS A 271 -33.56 -6.22 5.54
CA LYS A 271 -34.24 -7.39 4.90
C LYS A 271 -34.04 -7.26 3.39
N PRO A 272 -33.10 -8.01 2.78
CA PRO A 272 -32.83 -7.88 1.34
C PRO A 272 -34.08 -8.07 0.48
N SER A 273 -34.94 -9.02 0.83
CA SER A 273 -36.06 -9.44 -0.07
C SER A 273 -37.03 -8.27 -0.32
N THR A 274 -37.20 -7.37 0.65
CA THR A 274 -38.15 -6.24 0.54
C THR A 274 -37.37 -4.91 0.53
N ASN A 275 -36.05 -4.95 0.67
CA ASN A 275 -35.18 -3.74 0.68
C ASN A 275 -35.63 -2.82 1.82
N THR A 276 -36.02 -3.37 2.98
CA THR A 276 -36.62 -2.63 4.13
C THR A 276 -35.65 -2.69 5.31
N CYS A 277 -35.64 -1.67 6.18
CA CYS A 277 -34.84 -1.66 7.41
C CYS A 277 -35.77 -1.68 8.62
N TYR A 278 -35.23 -2.14 9.77
CA TYR A 278 -35.95 -2.24 11.07
C TYR A 278 -35.04 -1.81 12.22
N ASP A 279 -35.64 -1.26 13.27
CA ASP A 279 -35.04 -1.22 14.63
C ASP A 279 -33.73 -0.43 14.54
N TYR A 280 -33.79 0.77 13.94
CA TYR A 280 -32.67 1.73 13.90
C TYR A 280 -32.53 2.38 15.27
N LYS A 281 -31.37 2.21 15.90
CA LYS A 281 -31.14 2.83 17.21
C LYS A 281 -29.67 3.18 17.43
N ILE A 282 -29.47 4.07 18.39
CA ILE A 282 -28.13 4.42 18.90
C ILE A 282 -27.73 3.43 19.98
N LEU A 283 -26.53 2.87 19.86
CA LEU A 283 -25.96 1.94 20.86
C LEU A 283 -24.94 2.62 21.76
N GLY A 284 -24.27 3.68 21.28
CA GLY A 284 -23.18 4.31 22.06
C GLY A 284 -22.69 5.62 21.46
N THR A 285 -22.09 6.44 22.30
CA THR A 285 -21.45 7.75 21.94
C THR A 285 -20.07 7.80 22.59
N LYS A 286 -19.26 8.80 22.25
CA LYS A 286 -17.92 8.92 22.87
C LYS A 286 -18.04 9.05 24.39
N ASN A 287 -19.07 9.75 24.89
CA ASN A 287 -19.16 9.99 26.37
C ASN A 287 -19.63 8.71 27.11
N CYS A 288 -19.91 7.61 26.44
CA CYS A 288 -20.16 6.30 27.10
C CYS A 288 -18.83 5.69 27.59
N PHE A 289 -17.72 6.07 26.96
CA PHE A 289 -16.38 5.58 27.32
C PHE A 289 -15.69 6.59 28.23
N PRO A 290 -14.67 6.21 29.00
CA PRO A 290 -14.01 7.13 29.92
C PRO A 290 -13.46 8.36 29.16
N GLU A 291 -13.37 9.48 29.90
CA GLU A 291 -12.82 10.74 29.37
C GLU A 291 -11.42 10.45 28.81
N TYR A 292 -11.17 10.90 27.59
CA TYR A 292 -9.85 10.68 26.94
C TYR A 292 -9.71 11.68 25.80
N PRO A 293 -8.51 12.25 25.60
CA PRO A 293 -8.33 13.17 24.49
C PRO A 293 -8.70 12.57 23.13
N ALA A 294 -9.37 13.37 22.31
CA ALA A 294 -9.58 13.09 20.87
C ALA A 294 -8.36 13.59 20.08
N LYS A 295 -8.27 13.18 18.83
CA LYS A 295 -7.11 13.52 17.99
C LYS A 295 -7.17 15.00 17.58
N ALA A 296 -8.37 15.57 17.49
CA ALA A 296 -8.56 17.00 17.17
C ALA A 296 -9.88 17.45 17.77
N PRO A 297 -10.06 18.77 17.99
CA PRO A 297 -11.32 19.26 18.56
C PRO A 297 -12.58 18.83 17.81
N LYS A 298 -12.52 18.72 16.49
CA LYS A 298 -13.70 18.32 15.66
C LYS A 298 -14.08 16.87 15.90
N LEU A 299 -13.22 16.07 16.55
CA LEU A 299 -13.49 14.65 16.86
C LEU A 299 -13.83 14.44 18.34
N ILE A 300 -14.12 15.48 19.12
CA ILE A 300 -14.38 15.32 20.57
C ILE A 300 -15.68 14.51 20.79
N ASP A 301 -16.53 14.40 19.76
CA ASP A 301 -17.83 13.66 19.86
C ASP A 301 -17.90 12.63 18.75
N CYS A 302 -16.80 11.89 18.56
CA CYS A 302 -16.62 10.92 17.45
C CYS A 302 -16.35 9.54 18.01
N VAL A 303 -17.20 8.56 17.66
CA VAL A 303 -16.87 7.11 17.79
C VAL A 303 -17.09 6.47 16.43
N PHE A 304 -16.23 5.50 16.07
CA PHE A 304 -16.29 4.82 14.74
C PHE A 304 -16.24 3.32 15.01
N VAL A 305 -17.42 2.70 14.99
CA VAL A 305 -17.60 1.32 15.50
C VAL A 305 -16.79 0.27 14.70
N SER A 306 -16.41 -0.77 15.43
CA SER A 306 -15.65 -1.93 14.90
C SER A 306 -16.60 -3.13 14.71
N GLY A 307 -17.34 -3.49 15.74
CA GLY A 307 -18.38 -4.52 15.64
C GLY A 307 -18.72 -5.10 17.00
N ILE A 308 -19.53 -6.17 17.03
CA ILE A 308 -19.94 -6.82 18.28
C ILE A 308 -19.36 -8.23 18.32
N VAL A 309 -19.12 -8.68 19.55
CA VAL A 309 -18.76 -10.08 19.87
C VAL A 309 -19.78 -10.57 20.90
N MET A 310 -20.37 -11.74 20.63
CA MET A 310 -21.33 -12.34 21.60
C MET A 310 -20.54 -12.84 22.82
N ARG A 311 -21.06 -12.58 24.01
CA ARG A 311 -20.46 -13.03 25.29
C ARG A 311 -21.20 -14.31 25.72
N GLU A 312 -20.61 -15.07 26.65
CA GLU A 312 -21.20 -16.25 27.35
C GLU A 312 -22.12 -15.70 28.47
N ASP A 313 -23.06 -14.84 28.09
CA ASP A 313 -24.26 -14.32 28.81
C ASP A 313 -25.14 -13.84 27.64
N GLY A 314 -26.33 -13.28 27.84
CA GLY A 314 -27.15 -12.80 26.70
C GLY A 314 -26.39 -11.80 25.82
N LYS A 315 -25.47 -11.07 26.42
CA LYS A 315 -25.08 -9.70 26.00
C LYS A 315 -23.88 -9.77 25.04
N CYS A 316 -23.61 -8.59 24.48
CA CYS A 316 -22.59 -8.30 23.48
C CYS A 316 -21.52 -7.39 24.07
N ASP A 317 -20.30 -7.61 23.62
CA ASP A 317 -19.21 -6.62 23.70
C ASP A 317 -19.24 -5.84 22.39
N LEU A 318 -19.37 -4.54 22.51
CA LEU A 318 -19.33 -3.58 21.39
C LEU A 318 -17.95 -2.91 21.40
N TYR A 319 -17.20 -3.12 20.34
CA TYR A 319 -15.87 -2.54 20.08
C TYR A 319 -16.04 -1.34 19.15
N SER A 320 -15.29 -0.26 19.43
CA SER A 320 -15.35 1.00 18.66
C SER A 320 -14.03 1.76 18.76
N GLY A 321 -13.66 2.37 17.65
CA GLY A 321 -12.75 3.53 17.68
C GLY A 321 -13.38 4.65 18.49
N VAL A 322 -12.54 5.36 19.26
CA VAL A 322 -12.99 6.48 20.10
C VAL A 322 -12.07 7.69 19.88
N GLY A 323 -12.63 8.78 19.33
CA GLY A 323 -11.93 10.06 19.15
C GLY A 323 -10.74 9.97 18.19
N ASP A 324 -10.64 8.89 17.38
CA ASP A 324 -9.47 8.62 16.51
C ASP A 324 -8.17 8.55 17.36
N THR A 325 -8.25 8.12 18.61
CA THR A 325 -7.05 7.86 19.45
C THR A 325 -7.10 6.53 20.22
N GLN A 326 -8.25 5.90 20.42
CA GLN A 326 -8.35 4.68 21.27
C GLN A 326 -9.31 3.70 20.62
N GLU A 327 -9.22 2.45 21.08
CA GLU A 327 -10.24 1.42 20.85
C GLU A 327 -10.89 1.10 22.18
N GLY A 328 -12.21 1.23 22.22
CA GLY A 328 -12.99 0.90 23.39
C GLY A 328 -13.86 -0.32 23.24
N ARG A 329 -14.27 -0.85 24.37
CA ARG A 329 -15.22 -1.97 24.47
C ARG A 329 -16.27 -1.60 25.50
N MET A 330 -17.54 -1.78 25.16
CA MET A 330 -18.65 -1.51 26.08
C MET A 330 -19.68 -2.66 25.98
N MET A 331 -20.25 -3.05 27.09
CA MET A 331 -21.31 -4.08 27.19
C MET A 331 -22.63 -3.41 26.77
N ILE A 332 -23.36 -4.08 25.88
CA ILE A 332 -24.71 -3.68 25.41
C ILE A 332 -25.61 -4.90 25.43
N ASN A 333 -26.91 -4.66 25.39
CA ASN A 333 -27.86 -5.75 25.10
C ASN A 333 -27.69 -6.15 23.65
N TYR A 334 -27.98 -7.41 23.35
CA TYR A 334 -28.03 -7.87 21.95
C TYR A 334 -28.90 -6.92 21.14
N PRO A 335 -28.39 -6.32 20.06
CA PRO A 335 -29.14 -5.26 19.39
C PRO A 335 -30.09 -5.69 18.28
N PHE A 336 -30.16 -6.97 17.96
CA PHE A 336 -31.02 -7.47 16.85
C PHE A 336 -32.15 -8.34 17.43
N GLU A 337 -32.57 -8.07 18.66
CA GLU A 337 -33.62 -8.90 19.32
C GLU A 337 -34.87 -8.88 18.46
N GLY A 338 -35.49 -10.04 18.25
CA GLY A 338 -36.69 -10.15 17.43
C GLY A 338 -36.40 -10.37 15.97
N HIS A 339 -35.13 -10.36 15.55
CA HIS A 339 -34.76 -10.60 14.14
C HIS A 339 -33.88 -11.84 13.94
N GLY A 340 -33.62 -12.58 15.00
CA GLY A 340 -32.84 -13.83 14.94
C GLY A 340 -31.48 -13.70 15.59
N THR A 341 -30.82 -14.84 15.75
CA THR A 341 -29.45 -14.98 16.28
C THR A 341 -28.44 -14.76 15.15
N ILE A 342 -27.24 -14.35 15.50
CA ILE A 342 -26.10 -14.31 14.55
C ILE A 342 -25.73 -15.77 14.20
N VAL A 343 -25.68 -16.10 12.91
CA VAL A 343 -25.35 -17.51 12.50
C VAL A 343 -24.07 -17.60 11.67
N ASP A 344 -23.37 -16.49 11.41
CA ASP A 344 -22.03 -16.53 10.77
C ASP A 344 -20.95 -16.29 11.84
N ASN A 345 -19.70 -16.24 11.44
CA ASN A 345 -18.59 -16.07 12.38
C ASN A 345 -17.38 -15.52 11.63
N VAL A 346 -16.41 -15.09 12.42
CA VAL A 346 -15.07 -14.63 11.97
C VAL A 346 -14.03 -15.46 12.71
N ASN A 347 -14.22 -16.78 12.72
CA ASN A 347 -13.28 -17.73 13.34
C ASN A 347 -12.53 -18.40 12.20
N PHE A 348 -11.23 -18.08 12.03
CA PHE A 348 -10.37 -18.54 10.92
C PHE A 348 -9.35 -19.59 11.42
N CYS B 36 23.32 0.12 -35.63
CA CYS B 36 22.37 1.11 -35.03
C CYS B 36 21.28 0.48 -34.11
N THR B 37 20.74 -0.68 -34.42
CA THR B 37 19.63 -1.32 -33.69
C THR B 37 20.19 -1.93 -32.42
N MET B 38 19.38 -2.03 -31.38
CA MET B 38 19.88 -2.60 -30.10
C MET B 38 20.26 -4.08 -30.28
N VAL B 39 19.57 -4.83 -31.14
CA VAL B 39 19.99 -6.27 -31.32
C VAL B 39 21.43 -6.33 -31.86
N ALA B 40 21.78 -5.45 -32.78
CA ALA B 40 23.16 -5.40 -33.32
C ALA B 40 24.15 -4.92 -32.24
N LYS B 41 23.74 -3.92 -31.47
CA LYS B 41 24.63 -3.41 -30.39
C LYS B 41 24.89 -4.57 -29.41
N ARG B 42 23.83 -5.35 -29.10
CA ARG B 42 23.96 -6.42 -28.08
C ARG B 42 24.87 -7.53 -28.65
N LYS B 43 24.72 -7.82 -29.94
CA LYS B 43 25.54 -8.89 -30.59
C LYS B 43 27.03 -8.47 -30.50
N GLU B 44 27.35 -7.18 -30.72
CA GLU B 44 28.75 -6.67 -30.64
C GLU B 44 29.21 -6.73 -29.18
N PHE B 45 28.33 -6.41 -28.22
CA PHE B 45 28.65 -6.51 -26.78
C PHE B 45 29.09 -7.93 -26.45
N GLU B 46 28.30 -8.93 -26.85
CA GLU B 46 28.56 -10.34 -26.46
C GLU B 46 29.91 -10.80 -27.05
N ARG B 47 30.30 -10.30 -28.23
CA ARG B 47 31.56 -10.79 -28.83
C ARG B 47 32.79 -10.03 -28.25
N THR B 48 32.62 -8.87 -27.59
CA THR B 48 33.75 -8.00 -27.16
C THR B 48 33.83 -7.86 -25.65
N LYS B 49 32.90 -8.44 -24.88
CA LYS B 49 32.81 -8.14 -23.43
CA LYS B 49 32.79 -8.17 -23.42
C LYS B 49 34.07 -8.67 -22.73
N VAL B 50 34.45 -8.04 -21.62
CA VAL B 50 35.55 -8.58 -20.75
C VAL B 50 34.84 -9.27 -19.59
N ILE B 51 34.92 -10.57 -19.57
CA ILE B 51 34.33 -11.41 -18.49
C ILE B 51 35.11 -11.13 -17.18
N GLN B 52 34.43 -10.67 -16.15
CA GLN B 52 35.03 -10.60 -14.81
C GLN B 52 34.04 -11.34 -13.87
N GLU B 53 34.18 -11.10 -12.61
CA GLU B 53 33.40 -11.71 -11.53
C GLU B 53 31.91 -11.47 -11.79
N ALA B 54 31.08 -12.52 -11.62
CA ALA B 54 29.60 -12.41 -11.70
C ALA B 54 28.97 -13.49 -10.83
N VAL B 55 28.15 -13.09 -9.86
CA VAL B 55 27.59 -13.95 -8.80
C VAL B 55 26.16 -13.55 -8.53
N PHE B 56 25.46 -14.42 -7.84
CA PHE B 56 24.15 -14.11 -7.26
C PHE B 56 24.33 -13.85 -5.77
N LEU B 57 23.65 -12.82 -5.29
CA LEU B 57 23.48 -12.56 -3.86
C LEU B 57 22.60 -13.66 -3.23
N THR B 58 22.92 -13.97 -1.98
CA THR B 58 22.12 -14.86 -1.14
C THR B 58 21.29 -14.01 -0.20
N PHE B 59 20.01 -14.29 -0.12
CA PHE B 59 19.08 -13.65 0.83
C PHE B 59 18.59 -14.70 1.81
N LYS B 60 18.68 -14.34 3.07
CA LYS B 60 18.26 -15.22 4.20
CA LYS B 60 18.25 -15.23 4.18
C LYS B 60 17.04 -14.63 4.87
N GLY B 61 16.19 -15.52 5.39
CA GLY B 61 15.06 -15.20 6.22
C GLY B 61 13.74 -15.15 5.48
N LEU B 62 13.72 -15.44 4.18
CA LEU B 62 12.47 -15.41 3.39
C LEU B 62 12.54 -16.48 2.28
N ASP B 63 12.74 -17.73 2.69
CA ASP B 63 13.07 -18.81 1.72
C ASP B 63 11.85 -19.13 0.83
N THR B 64 10.64 -18.75 1.22
CA THR B 64 9.39 -18.94 0.44
C THR B 64 9.40 -18.08 -0.82
N HIS B 65 10.22 -17.01 -0.86
CA HIS B 65 10.09 -15.97 -1.89
C HIS B 65 11.40 -15.82 -2.66
N ASP B 66 11.30 -15.43 -3.90
CA ASP B 66 12.44 -14.86 -4.66
C ASP B 66 12.63 -13.41 -4.19
N VAL B 67 13.84 -12.94 -4.35
CA VAL B 67 14.18 -11.51 -4.03
C VAL B 67 14.97 -11.00 -5.22
N TYR B 68 14.51 -9.90 -5.82
CA TYR B 68 15.06 -9.46 -7.11
C TYR B 68 14.78 -7.98 -7.28
N ASN B 69 15.29 -7.44 -8.34
CA ASN B 69 15.01 -6.06 -8.78
C ASN B 69 15.19 -5.09 -7.62
N CYS B 70 16.32 -5.18 -6.94
CA CYS B 70 16.57 -4.39 -5.70
C CYS B 70 16.84 -2.93 -6.06
N CYS B 71 16.68 -2.12 -5.06
CA CYS B 71 17.32 -0.74 -5.12
C CYS B 71 18.84 -0.89 -5.06
N VAL B 72 19.56 0.20 -5.23
CA VAL B 72 21.04 0.18 -5.07
C VAL B 72 21.38 -0.15 -3.62
N PRO B 73 22.43 -0.98 -3.35
CA PRO B 73 22.87 -1.12 -1.97
C PRO B 73 23.22 0.26 -1.38
N PHE B 74 22.83 0.45 -0.13
CA PHE B 74 22.99 1.75 0.57
C PHE B 74 23.42 1.50 2.00
N THR B 75 23.81 2.54 2.75
CA THR B 75 24.19 2.28 4.17
C THR B 75 23.24 3.01 5.11
N ILE B 76 23.01 2.41 6.24
CA ILE B 76 22.33 3.02 7.40
C ILE B 76 23.32 3.01 8.54
N ASN B 77 23.76 4.19 9.00
CA ASN B 77 24.73 4.26 10.13
C ASN B 77 25.91 3.31 9.84
N GLY B 78 26.38 3.28 8.59
CA GLY B 78 27.63 2.57 8.20
C GLY B 78 27.41 1.10 7.87
N THR B 79 26.21 0.57 8.03
CA THR B 79 25.95 -0.84 7.69
C THR B 79 25.19 -0.93 6.36
N TYR B 80 25.65 -1.78 5.44
CA TYR B 80 24.96 -2.00 4.16
C TYR B 80 23.59 -2.66 4.34
N HIS B 81 22.65 -2.12 3.59
CA HIS B 81 21.25 -2.59 3.50
C HIS B 81 20.84 -2.56 2.04
N ILE B 82 19.71 -3.21 1.77
CA ILE B 82 19.12 -3.17 0.42
C ILE B 82 17.61 -3.39 0.54
N PHE B 83 16.86 -2.69 -0.33
CA PHE B 83 15.41 -2.97 -0.48
C PHE B 83 15.29 -3.96 -1.63
N GLY B 84 14.54 -5.04 -1.42
CA GLY B 84 14.33 -6.03 -2.48
C GLY B 84 12.87 -6.19 -2.82
N ARG B 85 12.58 -6.37 -4.10
CA ARG B 85 11.26 -6.86 -4.54
C ARG B 85 11.14 -8.37 -4.19
N VAL B 86 10.11 -8.74 -3.45
CA VAL B 86 9.92 -10.14 -3.00
C VAL B 86 8.61 -10.67 -3.53
N GLU B 87 8.68 -11.90 -4.07
CA GLU B 87 7.51 -12.52 -4.71
C GLU B 87 7.71 -14.04 -4.71
N ARG B 88 6.63 -14.76 -4.45
CA ARG B 88 6.69 -16.22 -4.64
C ARG B 88 6.91 -16.45 -6.14
N ARG B 89 7.65 -17.51 -6.47
CA ARG B 89 8.02 -17.73 -7.88
C ARG B 89 6.78 -17.97 -8.73
N SER B 90 5.78 -18.71 -8.24
CA SER B 90 4.56 -19.00 -9.03
C SER B 90 3.58 -17.81 -9.07
N GLU B 91 3.80 -16.74 -8.27
CA GLU B 91 2.80 -15.67 -8.09
C GLU B 91 3.17 -14.53 -8.98
N TRP B 92 2.16 -13.98 -9.64
CA TRP B 92 2.24 -12.78 -10.46
C TRP B 92 1.36 -11.72 -9.80
N VAL B 93 1.82 -10.49 -9.87
CA VAL B 93 1.07 -9.30 -9.40
C VAL B 93 0.73 -9.47 -7.90
N ASN B 94 1.70 -9.91 -7.10
CA ASN B 94 1.60 -9.92 -5.63
C ASN B 94 3.01 -9.63 -5.06
N SER B 95 3.64 -8.54 -5.48
CA SER B 95 5.00 -8.17 -5.01
C SER B 95 4.89 -7.31 -3.78
N HIS B 96 5.89 -7.47 -2.93
CA HIS B 96 6.14 -6.50 -1.85
C HIS B 96 7.61 -6.12 -1.90
N VAL B 97 7.96 -5.06 -1.17
CA VAL B 97 9.34 -4.62 -0.99
C VAL B 97 9.68 -4.78 0.49
N ARG B 98 10.81 -5.42 0.75
CA ARG B 98 11.29 -5.63 2.14
C ARG B 98 12.72 -5.12 2.28
N LEU B 99 13.06 -4.78 3.52
CA LEU B 99 14.43 -4.34 3.89
C LEU B 99 15.30 -5.54 4.31
N PHE B 100 16.50 -5.59 3.78
CA PHE B 100 17.51 -6.59 4.15
C PHE B 100 18.78 -5.90 4.64
N CYS B 101 19.49 -6.54 5.56
CA CYS B 101 20.75 -6.05 6.14
C CYS B 101 21.90 -6.96 5.70
N LYS B 102 23.04 -6.38 5.33
CA LYS B 102 24.22 -7.17 4.94
C LYS B 102 24.70 -7.99 6.13
N THR B 103 24.87 -9.30 5.93
CA THR B 103 25.34 -10.29 6.95
C THR B 103 26.58 -11.05 6.51
N GLY B 104 27.05 -10.81 5.31
CA GLY B 104 28.29 -11.40 4.80
C GLY B 104 28.58 -10.90 3.42
N HIS B 105 29.72 -11.34 2.86
CA HIS B 105 30.06 -10.98 1.47
C HIS B 105 28.91 -11.49 0.59
N ASP B 106 28.23 -10.64 -0.14
CA ASP B 106 27.13 -11.03 -1.08
C ASP B 106 26.02 -11.76 -0.33
N GLU B 107 25.79 -11.43 0.97
CA GLU B 107 24.73 -12.06 1.77
C GLU B 107 23.93 -11.00 2.50
N TYR B 108 22.62 -11.07 2.39
CA TYR B 108 21.65 -10.12 2.99
C TYR B 108 20.59 -10.91 3.75
N THR B 109 20.22 -10.45 4.94
CA THR B 109 19.23 -11.08 5.84
C THR B 109 18.04 -10.14 6.06
N LEU B 110 16.84 -10.69 5.96
CA LEU B 110 15.60 -9.93 6.17
C LEU B 110 15.64 -9.25 7.55
N VAL B 111 15.25 -7.96 7.55
CA VAL B 111 14.98 -7.20 8.79
C VAL B 111 13.50 -7.40 9.15
N GLU B 112 13.19 -8.30 10.09
CA GLU B 112 11.79 -8.74 10.32
C GLU B 112 10.90 -7.61 10.87
N HIS B 113 11.42 -6.69 11.67
CA HIS B 113 10.61 -5.59 12.28
C HIS B 113 10.20 -4.53 11.24
N ALA B 114 10.98 -4.39 10.17
CA ALA B 114 10.95 -3.24 9.27
C ALA B 114 9.62 -3.15 8.55
N MET B 115 9.24 -1.91 8.23
CA MET B 115 8.12 -1.62 7.32
C MET B 115 8.30 -2.40 6.00
N GLN B 116 7.21 -3.02 5.54
CA GLN B 116 7.05 -3.67 4.22
C GLN B 116 6.18 -2.75 3.37
N TYR B 117 6.39 -2.76 2.07
CA TYR B 117 5.61 -1.95 1.11
C TYR B 117 5.02 -2.85 0.02
N GLN B 118 3.76 -2.60 -0.31
CA GLN B 118 3.07 -3.28 -1.41
C GLN B 118 3.42 -2.60 -2.73
N LEU B 119 4.65 -2.80 -3.18
CA LEU B 119 5.25 -2.16 -4.37
C LEU B 119 6.13 -3.14 -5.12
N GLU B 120 6.39 -2.78 -6.38
CA GLU B 120 7.38 -3.42 -7.27
C GLU B 120 8.59 -2.46 -7.45
N ASP B 121 9.75 -3.01 -7.79
CA ASP B 121 10.90 -2.29 -8.40
C ASP B 121 11.22 -1.04 -7.59
N PRO B 122 11.71 -1.22 -6.36
CA PRO B 122 12.03 -0.10 -5.48
C PRO B 122 13.28 0.63 -5.98
N PHE B 123 13.35 1.90 -5.59
CA PHE B 123 14.52 2.72 -5.90
C PHE B 123 14.73 3.76 -4.81
N LEU B 124 15.96 4.24 -4.71
CA LEU B 124 16.39 5.08 -3.56
C LEU B 124 17.48 6.03 -4.04
N VAL B 125 17.41 7.28 -3.55
CA VAL B 125 18.51 8.26 -3.72
C VAL B 125 18.44 9.16 -2.49
N LYS B 126 19.54 9.88 -2.27
CA LYS B 126 19.60 10.95 -1.25
C LYS B 126 19.36 12.30 -1.97
N ILE B 127 18.43 13.10 -1.47
CA ILE B 127 18.12 14.43 -2.03
C ILE B 127 18.18 15.43 -0.86
N ASN B 128 19.07 16.38 -0.93
CA ASN B 128 19.10 17.48 0.09
C ASN B 128 19.02 16.89 1.49
N GLY B 129 19.88 15.91 1.81
CA GLY B 129 20.00 15.32 3.15
C GLY B 129 18.91 14.31 3.52
N GLU B 130 17.85 14.13 2.71
CA GLU B 130 16.77 13.20 3.08
C GLU B 130 16.75 12.04 2.06
N ALA B 131 16.14 10.95 2.46
CA ALA B 131 15.91 9.79 1.61
C ALA B 131 14.75 10.12 0.71
N LEU B 132 14.88 9.75 -0.56
CA LEU B 132 13.75 9.70 -1.53
C LEU B 132 13.66 8.26 -2.00
N PHE B 133 12.57 7.63 -1.63
CA PHE B 133 12.36 6.17 -1.94
C PHE B 133 11.09 6.10 -2.77
N GLY B 134 11.05 5.17 -3.73
CA GLY B 134 9.82 4.97 -4.48
C GLY B 134 9.70 3.52 -4.94
N GLY B 135 8.53 3.26 -5.43
CA GLY B 135 8.28 2.03 -6.18
C GLY B 135 6.98 2.14 -6.92
N VAL B 136 6.65 1.04 -7.62
CA VAL B 136 5.46 1.01 -8.46
C VAL B 136 4.33 0.27 -7.72
N ARG B 137 3.19 0.95 -7.62
CA ARG B 137 1.99 0.41 -6.98
C ARG B 137 1.03 -0.02 -8.08
N VAL B 138 0.66 -1.29 -8.06
CA VAL B 138 -0.30 -1.84 -9.03
C VAL B 138 -1.72 -1.73 -8.48
N THR B 139 -2.63 -1.24 -9.31
CA THR B 139 -4.06 -1.22 -8.97
CA THR B 139 -4.08 -1.16 -9.05
C THR B 139 -4.74 -2.39 -9.70
N LYS B 140 -5.70 -2.98 -9.03
CA LYS B 140 -6.50 -4.08 -9.58
C LYS B 140 -7.99 -3.71 -9.60
N ASP B 141 -8.71 -4.34 -10.54
CA ASP B 141 -10.17 -4.34 -10.59
C ASP B 141 -10.56 -5.72 -11.07
N HIS B 142 -11.45 -6.39 -10.32
CA HIS B 142 -12.08 -7.65 -10.77
C HIS B 142 -10.99 -8.70 -10.89
N GLY B 143 -9.96 -8.64 -10.06
CA GLY B 143 -8.86 -9.64 -10.02
C GLY B 143 -7.79 -9.39 -11.05
N LYS B 144 -7.94 -8.36 -11.88
CA LYS B 144 -6.98 -8.04 -12.98
C LYS B 144 -6.31 -6.69 -12.73
N VAL B 145 -5.10 -6.54 -13.26
CA VAL B 145 -4.40 -5.25 -13.23
C VAL B 145 -5.23 -4.21 -14.00
N SER B 146 -5.44 -3.04 -13.41
CA SER B 146 -6.22 -1.94 -14.02
C SER B 146 -5.32 -0.76 -14.34
N GLY B 147 -4.14 -0.75 -13.79
CA GLY B 147 -3.19 0.38 -13.92
C GLY B 147 -2.09 0.31 -12.90
N TYR B 148 -1.21 1.28 -12.95
CA TYR B 148 -0.14 1.38 -11.96
C TYR B 148 0.28 2.83 -11.88
N VAL B 149 0.95 3.11 -10.79
CA VAL B 149 1.47 4.45 -10.56
C VAL B 149 2.66 4.34 -9.62
N CYS B 150 3.57 5.29 -9.71
CA CYS B 150 4.74 5.38 -8.82
CA CYS B 150 4.72 5.35 -8.78
C CYS B 150 4.35 6.14 -7.54
N ASP B 151 4.67 5.58 -6.41
CA ASP B 151 4.49 6.23 -5.10
C ASP B 151 5.86 6.66 -4.60
N PHE B 152 5.94 7.89 -4.08
CA PHE B 152 7.20 8.48 -3.58
C PHE B 152 7.09 8.78 -2.11
N TYR B 153 8.19 8.48 -1.43
CA TYR B 153 8.32 8.59 0.03
C TYR B 153 9.56 9.44 0.34
N ARG B 154 9.51 10.21 1.42
CA ARG B 154 10.65 11.06 1.78
C ARG B 154 10.87 10.96 3.29
N GLY B 155 11.97 11.53 3.73
CA GLY B 155 12.27 11.66 5.17
C GLY B 155 13.49 10.89 5.56
N LYS B 156 13.48 10.48 6.82
CA LYS B 156 14.55 9.67 7.39
C LYS B 156 14.36 8.25 6.90
N ILE B 157 15.48 7.63 6.59
CA ILE B 157 15.47 6.26 6.06
C ILE B 157 14.68 5.31 7.00
N ASP B 158 14.64 5.62 8.29
CA ASP B 158 13.98 4.81 9.35
C ASP B 158 12.45 5.02 9.41
N ASP B 159 11.92 6.04 8.76
CA ASP B 159 10.47 6.41 8.86
C ASP B 159 10.09 7.18 7.59
N LEU B 160 10.06 6.46 6.48
CA LEU B 160 9.76 7.04 5.18
C LEU B 160 8.26 7.39 5.12
N HIS B 161 7.95 8.56 4.58
CA HIS B 161 6.59 9.17 4.56
C HIS B 161 6.14 9.32 3.12
N TYR B 162 5.04 8.66 2.73
CA TYR B 162 4.43 8.81 1.42
C TYR B 162 3.96 10.25 1.25
N PHE B 163 4.37 10.91 0.18
CA PHE B 163 3.96 12.35 -0.02
C PHE B 163 3.42 12.67 -1.40
N THR B 164 3.67 11.88 -2.45
CA THR B 164 3.08 12.12 -3.78
C THR B 164 3.15 10.82 -4.61
N SER B 165 2.23 10.70 -5.53
CA SER B 165 2.31 9.74 -6.65
C SER B 165 2.71 10.46 -7.94
N GLY B 166 3.16 9.73 -8.93
CA GLY B 166 3.43 10.19 -10.29
C GLY B 166 2.20 10.08 -11.20
N PRO B 167 2.36 10.33 -12.50
CA PRO B 167 1.25 10.23 -13.47
C PRO B 167 0.73 8.79 -13.58
N LYS B 168 -0.54 8.65 -13.91
CA LYS B 168 -1.18 7.33 -14.14
C LYS B 168 -0.37 6.58 -15.19
N ASN B 169 -0.03 5.31 -14.89
CA ASN B 169 0.61 4.36 -15.83
C ASN B 169 1.99 4.85 -16.28
N MET B 170 2.70 5.61 -15.43
CA MET B 170 4.12 5.92 -15.71
C MET B 170 5.02 5.28 -14.66
N LYS B 171 6.02 4.53 -15.12
CA LYS B 171 7.10 4.10 -14.20
C LYS B 171 8.44 4.59 -14.76
N ASP B 172 9.53 4.16 -14.17
CA ASP B 172 10.91 4.57 -14.57
C ASP B 172 11.09 6.09 -14.35
N ILE B 173 10.46 6.61 -13.34
CA ILE B 173 10.73 8.00 -12.88
C ILE B 173 11.87 7.92 -11.86
N ARG B 174 12.90 8.76 -12.03
CA ARG B 174 14.04 8.79 -11.13
C ARG B 174 14.41 10.27 -10.89
N LEU B 175 14.91 10.50 -9.72
CA LEU B 175 15.33 11.85 -9.27
C LEU B 175 16.79 11.82 -8.93
N ILE B 176 17.45 12.95 -9.15
CA ILE B 176 18.86 13.16 -8.74
C ILE B 176 19.09 14.60 -8.23
N GLY B 177 19.85 14.72 -7.18
CA GLY B 177 20.28 16.04 -6.68
C GLY B 177 21.32 16.64 -7.61
N LEU B 178 21.12 17.88 -8.03
CA LEU B 178 22.06 18.58 -8.95
C LEU B 178 23.10 19.39 -8.15
N ALA B 179 24.17 19.79 -8.85
CA ALA B 179 25.28 20.58 -8.28
C ALA B 179 24.78 21.87 -7.58
N ASP B 180 23.71 22.52 -8.07
CA ASP B 180 23.16 23.80 -7.53
C ASP B 180 22.10 23.59 -6.42
N GLY B 181 21.82 22.37 -6.01
CA GLY B 181 20.84 22.12 -4.95
C GLY B 181 19.45 21.83 -5.50
N LYS B 182 19.25 22.00 -6.79
CA LYS B 182 17.97 21.67 -7.44
C LYS B 182 17.91 20.17 -7.72
N ILE B 183 16.86 19.73 -8.36
CA ILE B 183 16.64 18.26 -8.55
C ILE B 183 16.33 17.98 -10.01
N GLY B 184 16.99 16.98 -10.58
CA GLY B 184 16.66 16.52 -11.92
C GLY B 184 15.69 15.37 -11.83
N VAL B 185 14.66 15.42 -12.64
CA VAL B 185 13.60 14.36 -12.69
C VAL B 185 13.65 13.75 -14.09
N PHE B 186 13.87 12.42 -14.16
CA PHE B 186 13.73 11.60 -15.38
C PHE B 186 12.33 10.96 -15.41
N SER B 187 11.66 11.09 -16.55
CA SER B 187 10.29 10.60 -16.81
C SER B 187 10.33 9.60 -17.95
N HIS B 188 9.21 8.94 -18.21
CA HIS B 188 9.09 7.95 -19.30
C HIS B 188 7.70 8.04 -19.88
N HIS B 189 7.55 8.41 -21.15
CA HIS B 189 6.25 8.45 -21.88
C HIS B 189 5.99 7.20 -22.75
N VAL B 196 9.76 7.07 -24.51
CA VAL B 196 10.57 8.33 -24.61
C VAL B 196 10.98 8.79 -23.19
N THR B 197 12.28 8.94 -22.94
CA THR B 197 12.84 9.43 -21.66
C THR B 197 12.87 10.96 -21.68
N GLY B 198 12.29 11.57 -20.64
CA GLY B 198 12.29 13.05 -20.50
C GLY B 198 13.06 13.49 -19.28
N PHE B 199 13.30 14.80 -19.17
CA PHE B 199 14.01 15.39 -18.00
C PHE B 199 13.44 16.77 -17.71
N ILE B 200 13.33 17.11 -16.45
CA ILE B 200 12.91 18.47 -15.99
C ILE B 200 13.59 18.74 -14.67
N ILE B 201 13.90 20.02 -14.41
CA ILE B 201 14.49 20.44 -13.13
C ILE B 201 13.39 21.02 -12.28
N ILE B 202 13.41 20.68 -11.00
CA ILE B 202 12.51 21.24 -9.96
C ILE B 202 13.37 21.76 -8.81
N ASP B 203 12.82 22.64 -8.00
CA ASP B 203 13.63 23.31 -6.95
C ASP B 203 13.85 22.38 -5.74
N SER B 204 12.85 21.56 -5.41
CA SER B 204 12.88 20.78 -4.16
C SER B 204 11.82 19.68 -4.20
N LEU B 205 11.92 18.78 -3.23
CA LEU B 205 10.93 17.65 -3.16
C LEU B 205 9.52 18.22 -2.95
N ASP B 206 9.41 19.39 -2.33
CA ASP B 206 8.09 20.02 -2.10
C ASP B 206 7.40 20.38 -3.42
N ASP B 207 8.12 20.39 -4.54
CA ASP B 207 7.58 20.65 -5.90
C ASP B 207 7.22 19.37 -6.66
N LEU B 208 7.60 18.19 -6.13
CA LEU B 208 7.29 16.94 -6.90
C LEU B 208 5.81 16.63 -6.87
N CYS B 209 5.30 16.31 -8.03
CA CYS B 209 3.88 15.99 -8.26
C CYS B 209 3.73 15.37 -9.65
N SER B 210 2.53 14.90 -9.93
CA SER B 210 2.24 14.21 -11.21
C SER B 210 2.43 15.19 -12.38
N GLN B 211 1.92 16.41 -12.25
CA GLN B 211 1.97 17.44 -13.30
C GLN B 211 3.44 17.64 -13.72
N VAL B 212 4.37 17.87 -12.79
CA VAL B 212 5.73 18.28 -13.22
CA VAL B 212 5.72 18.28 -13.24
C VAL B 212 6.43 17.07 -13.88
N ILE B 213 6.14 15.89 -13.40
CA ILE B 213 6.75 14.66 -14.02
C ILE B 213 6.22 14.52 -15.45
N ASP B 214 4.93 14.77 -15.64
CA ASP B 214 4.28 14.63 -16.96
C ASP B 214 4.82 15.67 -17.94
N SER B 215 5.25 16.82 -17.43
CA SER B 215 5.73 17.99 -18.23
C SER B 215 7.17 17.81 -18.74
N ALA B 216 7.88 16.76 -18.38
CA ALA B 216 9.32 16.67 -18.72
C ALA B 216 9.49 16.58 -20.23
N LYS B 217 10.53 17.22 -20.73
CA LYS B 217 10.84 17.34 -22.18
CA LYS B 217 10.84 17.34 -22.18
C LYS B 217 11.76 16.20 -22.60
N PRO B 218 11.60 15.64 -23.82
CA PRO B 218 12.44 14.52 -24.24
C PRO B 218 13.93 14.86 -24.23
N ILE B 219 14.74 13.94 -23.72
CA ILE B 219 16.21 14.01 -23.89
C ILE B 219 16.56 13.64 -25.34
N ASP B 220 17.73 14.06 -25.77
CA ASP B 220 18.24 13.73 -27.12
C ASP B 220 18.39 12.21 -27.21
N HIS B 221 17.71 11.63 -28.20
CA HIS B 221 17.56 10.16 -28.33
C HIS B 221 18.51 9.61 -29.41
N THR B 222 19.31 10.48 -30.08
CA THR B 222 20.15 10.10 -31.26
C THR B 222 21.05 8.89 -30.98
N LEU B 223 21.66 8.79 -29.79
CA LEU B 223 22.58 7.68 -29.49
C LEU B 223 21.85 6.32 -29.37
N PHE B 224 20.56 6.31 -29.03
CA PHE B 224 19.89 5.07 -28.51
C PHE B 224 19.32 4.20 -29.64
N GLY B 225 19.28 4.71 -30.85
CA GLY B 225 18.62 4.08 -32.01
C GLY B 225 17.19 3.65 -31.67
N ASP B 226 16.87 2.36 -31.83
CA ASP B 226 15.50 1.83 -31.61
C ASP B 226 15.28 1.39 -30.16
N ALA B 227 16.21 1.63 -29.24
CA ALA B 227 16.09 1.09 -27.86
C ALA B 227 14.91 1.76 -27.12
N TRP B 228 14.20 1.00 -26.32
CA TRP B 228 13.27 1.54 -25.30
C TRP B 228 13.80 1.14 -23.94
N GLY B 229 13.52 1.97 -22.95
CA GLY B 229 13.91 1.68 -21.55
C GLY B 229 13.96 2.97 -20.77
N GLY B 230 14.74 2.98 -19.72
CA GLY B 230 14.66 4.07 -18.74
C GLY B 230 15.79 4.05 -17.76
N VAL B 231 15.87 5.12 -16.98
CA VAL B 231 16.93 5.24 -15.96
C VAL B 231 16.54 4.42 -14.72
N ASN B 232 17.54 3.82 -14.06
CA ASN B 232 17.32 3.12 -12.79
C ASN B 232 18.04 3.80 -11.65
N GLN B 233 19.26 4.23 -11.87
CA GLN B 233 20.03 4.86 -10.77
C GLN B 233 20.89 5.99 -11.37
N PRO B 234 20.55 7.30 -11.13
CA PRO B 234 21.31 8.48 -11.61
C PRO B 234 22.33 8.87 -10.54
N TYR B 235 23.46 9.36 -10.98
CA TYR B 235 24.59 9.78 -10.12
C TYR B 235 25.07 11.15 -10.59
N LEU B 236 25.11 12.11 -9.67
CA LEU B 236 25.77 13.39 -9.99
C LEU B 236 27.28 13.16 -10.10
N LEU B 237 27.88 13.63 -11.19
CA LEU B 237 29.32 13.54 -11.44
C LEU B 237 30.03 14.87 -11.12
N SER B 238 31.34 14.79 -10.94
CA SER B 238 32.21 15.95 -10.56
C SER B 238 32.16 17.07 -11.59
N THR B 239 31.75 16.79 -12.82
CA THR B 239 31.57 17.74 -13.93
C THR B 239 30.19 18.41 -13.92
N GLY B 240 29.26 17.94 -13.10
CA GLY B 240 27.85 18.39 -13.11
C GLY B 240 27.01 17.57 -14.09
N LYS B 241 27.64 16.67 -14.88
CA LYS B 241 26.87 15.70 -15.71
C LYS B 241 26.25 14.63 -14.82
N ILE B 242 25.26 13.92 -15.36
CA ILE B 242 24.58 12.87 -14.59
C ILE B 242 24.94 11.52 -15.22
N GLY B 243 25.57 10.66 -14.43
CA GLY B 243 25.81 9.29 -14.94
C GLY B 243 24.56 8.47 -14.68
N CYS B 244 24.05 7.81 -15.70
CA CYS B 244 22.78 7.03 -15.62
C CYS B 244 23.06 5.55 -15.81
N ILE B 245 22.71 4.78 -14.78
CA ILE B 245 22.65 3.32 -14.91
C ILE B 245 21.22 2.99 -15.26
N SER B 246 21.06 2.26 -16.37
CA SER B 246 19.76 2.17 -17.06
C SER B 246 19.47 0.77 -17.55
N HIS B 247 18.26 0.63 -18.06
CA HIS B 247 17.83 -0.59 -18.74
C HIS B 247 17.31 -0.24 -20.10
N HIS B 248 17.66 -1.04 -21.10
CA HIS B 248 17.12 -0.85 -22.44
C HIS B 248 16.92 -2.22 -23.06
N GLY B 249 15.94 -2.28 -23.93
CA GLY B 249 15.50 -3.56 -24.50
C GLY B 249 15.00 -3.51 -25.91
N TYR B 250 14.67 -4.72 -26.37
CA TYR B 250 14.18 -5.04 -27.72
C TYR B 250 13.41 -6.38 -27.63
N LEU B 251 12.76 -6.73 -28.73
CA LEU B 251 11.99 -7.98 -28.83
C LEU B 251 12.78 -9.04 -29.61
N ASP B 252 12.74 -10.26 -29.11
CA ASP B 252 13.20 -11.48 -29.82
C ASP B 252 12.11 -12.55 -29.70
N THR B 253 12.30 -13.67 -30.34
CA THR B 253 11.33 -14.79 -30.24
C THR B 253 12.08 -16.05 -29.82
N ASP B 254 11.34 -16.92 -29.14
CA ASP B 254 11.83 -18.26 -28.75
C ASP B 254 11.54 -19.21 -29.91
N ALA B 255 11.88 -20.46 -29.70
CA ALA B 255 11.82 -21.49 -30.75
C ALA B 255 10.37 -21.74 -31.21
N ASN B 256 9.36 -21.40 -30.39
CA ASN B 256 7.92 -21.53 -30.73
C ASN B 256 7.38 -20.23 -31.30
N GLY B 257 8.24 -19.25 -31.55
CA GLY B 257 7.78 -17.96 -32.06
C GLY B 257 7.12 -17.11 -30.97
N GLU B 258 7.24 -17.49 -29.69
CA GLU B 258 6.74 -16.70 -28.53
C GLU B 258 7.72 -15.57 -28.20
N VAL B 259 7.19 -14.43 -27.79
CA VAL B 259 8.02 -13.24 -27.52
C VAL B 259 8.97 -13.50 -26.34
N ILE B 260 10.18 -12.96 -26.48
CA ILE B 260 11.20 -12.84 -25.43
C ILE B 260 11.37 -11.31 -25.28
N ASN B 261 11.04 -10.79 -24.10
CA ASN B 261 11.27 -9.36 -23.74
C ASN B 261 12.72 -9.21 -23.28
N VAL B 262 13.62 -8.89 -24.22
CA VAL B 262 15.05 -8.71 -23.94
C VAL B 262 15.28 -7.39 -23.21
N TYR B 263 15.97 -7.45 -22.11
CA TYR B 263 16.44 -6.23 -21.42
C TYR B 263 17.88 -6.43 -21.03
N CYS B 264 18.68 -5.38 -21.27
CA CYS B 264 20.10 -5.29 -21.00
C CYS B 264 20.33 -4.24 -19.92
N ILE B 265 21.43 -4.41 -19.24
CA ILE B 265 21.99 -3.37 -18.35
C ILE B 265 22.77 -2.42 -19.23
N THR B 266 22.42 -1.12 -19.16
CA THR B 266 23.07 -0.12 -19.98
C THR B 266 23.50 1.06 -19.10
N SER B 267 24.23 1.97 -19.74
CA SER B 267 24.64 3.22 -19.07
C SER B 267 24.70 4.30 -20.14
N PHE B 268 24.55 5.56 -19.68
CA PHE B 268 24.87 6.69 -20.53
C PHE B 268 25.11 7.88 -19.60
N VAL B 269 25.66 8.96 -20.15
CA VAL B 269 25.87 10.20 -19.39
C VAL B 269 25.01 11.28 -20.01
N TYR B 270 24.39 12.09 -19.17
CA TYR B 270 23.43 13.12 -19.55
C TYR B 270 23.99 14.49 -19.11
N LYS B 271 23.96 15.44 -20.01
CA LYS B 271 24.38 16.85 -19.70
C LYS B 271 23.13 17.74 -19.75
N PRO B 272 22.54 18.11 -18.59
CA PRO B 272 21.29 18.88 -18.59
C PRO B 272 21.39 20.19 -19.38
N SER B 273 22.52 20.88 -19.31
CA SER B 273 22.60 22.26 -19.90
C SER B 273 22.37 22.22 -21.41
N THR B 274 22.75 21.13 -22.10
CA THR B 274 22.62 21.05 -23.59
C THR B 274 21.61 19.94 -23.95
N ASN B 275 21.04 19.26 -22.93
CA ASN B 275 20.07 18.15 -23.15
C ASN B 275 20.71 17.07 -24.04
N THR B 276 22.01 16.79 -23.87
CA THR B 276 22.81 15.88 -24.73
C THR B 276 23.19 14.62 -23.93
N CYS B 277 23.27 13.47 -24.59
CA CYS B 277 23.75 12.23 -23.97
C CYS B 277 25.10 11.84 -24.56
N TYR B 278 25.86 11.04 -23.80
CA TYR B 278 27.21 10.56 -24.18
C TYR B 278 27.37 9.11 -23.80
N ASP B 279 28.17 8.37 -24.58
CA ASP B 279 28.80 7.10 -24.14
C ASP B 279 27.70 6.12 -23.70
N TYR B 280 26.71 5.93 -24.57
CA TYR B 280 25.65 4.89 -24.38
C TYR B 280 26.26 3.51 -24.69
N LYS B 281 26.24 2.65 -23.67
CA LYS B 281 26.75 1.30 -23.88
C LYS B 281 26.00 0.25 -23.09
N ILE B 282 26.21 -0.99 -23.52
CA ILE B 282 25.71 -2.16 -22.78
C ILE B 282 26.78 -2.60 -21.78
N LEU B 283 26.41 -2.79 -20.54
CA LEU B 283 27.30 -3.26 -19.44
C LEU B 283 27.10 -4.76 -19.15
N GLY B 284 25.91 -5.30 -19.41
CA GLY B 284 25.60 -6.64 -18.93
C GLY B 284 24.30 -7.20 -19.49
N THR B 285 24.24 -8.53 -19.55
CA THR B 285 23.04 -9.28 -20.01
C THR B 285 22.83 -10.47 -19.07
N LYS B 286 21.65 -11.11 -19.13
CA LYS B 286 21.39 -12.24 -18.21
C LYS B 286 22.47 -13.32 -18.33
N ASN B 287 23.02 -13.56 -19.52
CA ASN B 287 24.02 -14.66 -19.69
C ASN B 287 25.41 -14.28 -19.14
N CYS B 288 25.60 -13.04 -18.64
CA CYS B 288 26.85 -12.67 -17.93
C CYS B 288 26.83 -13.25 -16.51
N PHE B 289 25.65 -13.59 -16.00
CA PHE B 289 25.46 -14.20 -14.68
C PHE B 289 25.37 -15.71 -14.82
N PRO B 290 25.60 -16.46 -13.74
CA PRO B 290 25.44 -17.93 -13.77
C PRO B 290 24.06 -18.36 -14.23
N GLU B 291 24.02 -19.53 -14.85
CA GLU B 291 22.77 -20.11 -15.38
C GLU B 291 21.78 -20.28 -14.23
N TYR B 292 20.55 -19.78 -14.42
CA TYR B 292 19.56 -19.85 -13.32
C TYR B 292 18.20 -19.67 -13.91
N PRO B 293 17.17 -20.40 -13.45
CA PRO B 293 15.84 -20.20 -14.03
C PRO B 293 15.32 -18.76 -13.95
N ALA B 294 14.62 -18.39 -15.01
CA ALA B 294 13.83 -17.15 -15.07
C ALA B 294 12.43 -17.37 -14.51
N LYS B 295 11.67 -16.30 -14.28
CA LYS B 295 10.32 -16.45 -13.68
C LYS B 295 9.34 -17.04 -14.70
N ALA B 296 9.60 -16.78 -15.95
CA ALA B 296 8.79 -17.26 -17.10
C ALA B 296 9.70 -17.30 -18.30
N PRO B 297 9.36 -18.10 -19.31
CA PRO B 297 10.22 -18.22 -20.50
C PRO B 297 10.42 -16.88 -21.19
N LYS B 298 9.44 -15.97 -21.11
CA LYS B 298 9.60 -14.62 -21.78
C LYS B 298 10.66 -13.77 -21.08
N LEU B 299 11.10 -14.15 -19.88
CA LEU B 299 12.12 -13.39 -19.11
C LEU B 299 13.48 -14.06 -19.14
N ILE B 300 13.70 -15.03 -20.02
CA ILE B 300 14.99 -15.79 -20.07
C ILE B 300 16.15 -14.86 -20.46
N ASP B 301 15.89 -13.69 -21.02
CA ASP B 301 16.98 -12.76 -21.46
C ASP B 301 16.71 -11.36 -20.87
N CYS B 302 16.33 -11.33 -19.61
CA CYS B 302 15.88 -10.12 -18.87
C CYS B 302 16.82 -9.90 -17.69
N VAL B 303 17.45 -8.73 -17.64
CA VAL B 303 18.09 -8.18 -16.41
C VAL B 303 17.49 -6.78 -16.19
N PHE B 304 17.30 -6.41 -14.93
CA PHE B 304 16.70 -5.11 -14.56
C PHE B 304 17.63 -4.55 -13.49
N VAL B 305 18.45 -3.56 -13.89
CA VAL B 305 19.58 -3.14 -13.05
C VAL B 305 19.11 -2.40 -11.78
N SER B 306 19.98 -2.47 -10.79
CA SER B 306 19.79 -1.82 -9.48
C SER B 306 20.67 -0.57 -9.42
N GLY B 307 21.94 -0.74 -9.60
CA GLY B 307 22.89 0.39 -9.48
C GLY B 307 24.32 -0.07 -9.40
N ILE B 308 25.24 0.85 -9.20
CA ILE B 308 26.68 0.58 -9.04
C ILE B 308 27.11 1.05 -7.69
N VAL B 309 28.09 0.33 -7.16
CA VAL B 309 28.87 0.73 -5.96
C VAL B 309 30.34 0.79 -6.35
N MET B 310 31.04 1.84 -5.95
CA MET B 310 32.46 1.95 -6.29
C MET B 310 33.26 1.00 -5.41
N ARG B 311 34.30 0.44 -6.00
CA ARG B 311 35.26 -0.47 -5.33
C ARG B 311 36.60 0.26 -5.06
N GLU B 312 37.35 -0.21 -4.06
CA GLU B 312 38.71 0.27 -3.67
C GLU B 312 39.59 0.29 -4.92
N ASP B 313 39.45 -0.68 -5.84
CA ASP B 313 40.33 -0.82 -7.03
C ASP B 313 39.90 0.09 -8.19
N GLY B 314 38.86 0.90 -8.03
CA GLY B 314 38.46 1.88 -9.06
C GLY B 314 37.48 1.32 -10.07
N LYS B 315 37.25 0.04 -10.00
CA LYS B 315 36.18 -0.57 -10.79
C LYS B 315 34.89 -0.43 -9.97
N CYS B 316 33.81 -0.95 -10.49
CA CYS B 316 32.66 -1.01 -9.61
CA CYS B 316 32.49 -0.93 -9.86
C CYS B 316 31.93 -2.33 -9.67
N ASP B 317 31.14 -2.46 -8.64
CA ASP B 317 30.17 -3.58 -8.50
C ASP B 317 28.88 -3.10 -9.12
N LEU B 318 28.36 -3.87 -10.07
CA LEU B 318 27.08 -3.63 -10.75
C LEU B 318 26.09 -4.64 -10.19
N TYR B 319 25.06 -4.17 -9.53
CA TYR B 319 23.93 -4.95 -8.99
C TYR B 319 22.77 -4.88 -9.96
N SER B 320 22.08 -6.02 -10.14
CA SER B 320 20.95 -6.13 -11.08
C SER B 320 19.99 -7.23 -10.63
N GLY B 321 18.73 -6.99 -10.84
CA GLY B 321 17.74 -8.11 -10.98
C GLY B 321 18.10 -8.96 -12.16
N VAL B 322 17.88 -10.30 -12.01
CA VAL B 322 18.17 -11.27 -13.08
C VAL B 322 16.98 -12.23 -13.24
N GLY B 323 16.37 -12.20 -14.40
CA GLY B 323 15.23 -13.07 -14.82
C GLY B 323 14.01 -12.96 -13.94
N ASP B 324 13.89 -11.88 -13.15
CA ASP B 324 12.82 -11.70 -12.15
C ASP B 324 12.81 -12.84 -11.11
N THR B 325 13.95 -13.41 -10.80
CA THR B 325 14.09 -14.37 -9.69
C THR B 325 15.31 -14.18 -8.78
N GLN B 326 16.36 -13.44 -9.20
CA GLN B 326 17.62 -13.32 -8.43
C GLN B 326 18.10 -11.88 -8.44
N GLU B 327 18.98 -11.58 -7.48
CA GLU B 327 19.83 -10.35 -7.56
C GLU B 327 21.25 -10.79 -7.83
N GLY B 328 21.86 -10.23 -8.85
CA GLY B 328 23.25 -10.44 -9.24
C GLY B 328 24.18 -9.28 -8.92
N ARG B 329 25.47 -9.58 -8.81
CA ARG B 329 26.56 -8.59 -8.73
C ARG B 329 27.61 -9.00 -9.75
N MET B 330 28.01 -8.06 -10.59
CA MET B 330 29.10 -8.32 -11.58
C MET B 330 30.10 -7.16 -11.49
N MET B 331 31.39 -7.44 -11.58
CA MET B 331 32.46 -6.42 -11.59
C MET B 331 32.55 -5.89 -13.02
N ILE B 332 32.55 -4.56 -13.13
CA ILE B 332 32.68 -3.82 -14.42
C ILE B 332 33.74 -2.72 -14.25
N ASN B 333 34.24 -2.22 -15.35
CA ASN B 333 35.06 -1.00 -15.36
C ASN B 333 34.11 0.16 -15.12
N TYR B 334 34.62 1.18 -14.46
CA TYR B 334 33.82 2.38 -14.18
C TYR B 334 33.20 2.87 -15.48
N PRO B 335 31.87 3.01 -15.52
CA PRO B 335 31.23 3.28 -16.81
C PRO B 335 31.14 4.73 -17.28
N PHE B 336 31.55 5.68 -16.40
CA PHE B 336 31.41 7.12 -16.78
C PHE B 336 32.80 7.74 -17.04
N GLU B 337 33.78 6.95 -17.48
CA GLU B 337 35.16 7.44 -17.66
C GLU B 337 35.14 8.63 -18.62
N GLY B 338 35.88 9.69 -18.28
CA GLY B 338 35.95 10.91 -19.08
C GLY B 338 34.88 11.91 -18.71
N HIS B 339 33.95 11.56 -17.82
CA HIS B 339 32.81 12.44 -17.46
C HIS B 339 32.81 12.84 -15.99
N GLY B 340 33.77 12.41 -15.21
CA GLY B 340 33.93 12.82 -13.80
C GLY B 340 33.74 11.63 -12.86
N THR B 341 34.01 11.84 -11.60
CA THR B 341 33.82 10.90 -10.50
C THR B 341 32.42 11.08 -9.96
N ILE B 342 31.83 10.03 -9.40
CA ILE B 342 30.59 10.16 -8.61
C ILE B 342 30.84 11.02 -7.38
N VAL B 343 30.01 12.06 -7.17
CA VAL B 343 30.24 12.94 -6.00
C VAL B 343 29.09 12.92 -4.99
N ASP B 344 28.03 12.17 -5.26
CA ASP B 344 26.95 11.97 -4.27
C ASP B 344 27.05 10.57 -3.64
N ASN B 345 26.10 10.28 -2.77
CA ASN B 345 26.16 9.02 -2.01
C ASN B 345 24.75 8.65 -1.56
N VAL B 346 24.62 7.39 -1.16
CA VAL B 346 23.42 6.86 -0.48
C VAL B 346 23.84 6.33 0.91
N ASN B 347 24.62 7.12 1.65
CA ASN B 347 24.98 6.78 3.03
C ASN B 347 24.06 7.57 3.96
N PHE B 348 23.13 6.87 4.58
CA PHE B 348 22.12 7.45 5.50
C PHE B 348 22.50 7.18 6.96
#